data_4CSM
#
_entry.id   4CSM
#
_cell.length_a   205.500
_cell.length_b   205.500
_cell.length_c   131.200
_cell.angle_alpha   90.00
_cell.angle_beta   90.00
_cell.angle_gamma   120.00
#
_symmetry.space_group_name_H-M   'H 3 2'
#
loop_
_entity.id
_entity.type
_entity.pdbx_description
1 polymer 'CHORISMATE MUTASE'
2 non-polymer TYROSINE
3 non-polymer '8-HYDROXY-2-OXA-BICYCLO[3.3.1]NON-6-ENE-3,5-DICARBOXYLIC ACID'
#
_entity_poly.entity_id   1
_entity_poly.type   'polypeptide(L)'
_entity_poly.pdbx_seq_one_letter_code
;MDFTKPETVLNLQNIRDELVRMEDSIIFKFIERSHFATCPSVYEANHPGLEIPNFKGSFLDWALSNLEIAHSRIRRFESP
DETPFFPDKIQKSFLPSINYPQILAPYAPEVNYNDKIKKVYIEKIIPLISKRDGDDKNNFGSVATRDIECLQSLSRRIHF
GKFVAEAKFQSDIPLYTKLIKSKDVEGIMKNITNSAVEEKILERLTKKAEVYGVDPTNESGERRITPEYLVKIYKEIVIP
ITKEVEVEYLLRRLEE
;
_entity_poly.pdbx_strand_id   A,B
#
# COMPACT_ATOMS: atom_id res chain seq x y z
N MET A 1 21.58 27.03 -7.36
CA MET A 1 20.79 26.85 -8.61
C MET A 1 19.80 28.01 -8.78
N ASP A 2 20.18 28.96 -9.63
CA ASP A 2 19.42 30.18 -9.93
C ASP A 2 18.68 30.07 -11.28
N PHE A 3 17.36 30.30 -11.30
CA PHE A 3 16.60 30.18 -12.56
C PHE A 3 16.80 31.20 -13.68
N THR A 4 17.71 32.14 -13.50
CA THR A 4 17.97 33.11 -14.56
C THR A 4 19.45 33.05 -14.96
N LYS A 5 20.08 31.97 -14.53
CA LYS A 5 21.48 31.66 -14.82
C LYS A 5 21.35 30.25 -15.38
N PRO A 6 20.92 30.11 -16.64
CA PRO A 6 20.75 28.80 -17.29
C PRO A 6 21.84 27.79 -16.91
N GLU A 7 23.07 28.29 -16.84
CA GLU A 7 24.20 27.45 -16.48
C GLU A 7 24.00 26.74 -15.11
N THR A 8 23.72 27.51 -14.06
CA THR A 8 23.52 26.96 -12.71
C THR A 8 22.28 26.04 -12.56
N VAL A 9 21.54 25.88 -13.64
CA VAL A 9 20.34 25.05 -13.66
C VAL A 9 20.67 23.78 -14.45
N LEU A 10 21.36 23.93 -15.57
CA LEU A 10 21.73 22.78 -16.36
C LEU A 10 23.04 22.19 -15.87
N ASN A 11 23.14 22.04 -14.55
CA ASN A 11 24.30 21.45 -13.91
C ASN A 11 23.80 20.27 -13.08
N LEU A 12 24.09 19.08 -13.59
CA LEU A 12 23.67 17.81 -12.99
C LEU A 12 23.90 17.65 -11.48
N GLN A 13 25.09 18.03 -11.03
CA GLN A 13 25.39 17.92 -9.63
C GLN A 13 24.37 18.75 -8.85
N ASN A 14 24.22 20.01 -9.24
CA ASN A 14 23.26 20.90 -8.58
C ASN A 14 21.90 20.28 -8.54
N ILE A 15 21.44 19.91 -9.73
CA ILE A 15 20.13 19.30 -9.92
C ILE A 15 19.93 18.16 -8.90
N ARG A 16 20.93 17.31 -8.74
CA ARG A 16 20.83 16.21 -7.80
C ARG A 16 20.76 16.74 -6.38
N ASP A 17 21.56 17.76 -6.11
CA ASP A 17 21.60 18.35 -4.78
C ASP A 17 20.23 18.87 -4.40
N GLU A 18 19.57 19.53 -5.34
CA GLU A 18 18.23 20.06 -5.12
C GLU A 18 17.29 18.92 -4.81
N LEU A 19 17.44 17.82 -5.56
CA LEU A 19 16.61 16.63 -5.37
C LEU A 19 16.78 16.08 -3.96
N VAL A 20 18.01 16.19 -3.47
CA VAL A 20 18.30 15.71 -2.14
C VAL A 20 17.52 16.54 -1.13
N ARG A 21 17.45 17.87 -1.35
CA ARG A 21 16.73 18.74 -0.42
C ARG A 21 15.28 18.29 -0.35
N MET A 22 14.72 18.02 -1.53
CA MET A 22 13.34 17.60 -1.62
C MET A 22 12.98 16.37 -0.86
N GLU A 23 13.98 15.56 -0.57
CA GLU A 23 13.75 14.33 0.14
C GLU A 23 13.08 14.57 1.47
N ASP A 24 13.61 15.57 2.17
CA ASP A 24 13.13 15.94 3.48
C ASP A 24 11.75 16.52 3.42
N SER A 25 11.57 17.44 2.47
CA SER A 25 10.27 18.09 2.26
C SER A 25 9.21 17.01 2.13
N ILE A 26 9.46 16.09 1.20
CA ILE A 26 8.53 15.01 0.91
C ILE A 26 8.26 14.20 2.17
N ILE A 27 9.33 13.95 2.91
CA ILE A 27 9.21 13.17 4.12
C ILE A 27 8.30 13.85 5.11
N PHE A 28 8.61 15.12 5.37
CA PHE A 28 7.85 15.95 6.30
C PHE A 28 6.38 15.89 5.97
N LYS A 29 6.06 16.04 4.68
CA LYS A 29 4.66 15.98 4.24
C LYS A 29 3.99 14.64 4.50
N PHE A 30 4.69 13.53 4.21
CA PHE A 30 4.14 12.19 4.45
C PHE A 30 3.84 12.11 5.93
N ILE A 31 4.83 12.53 6.72
CA ILE A 31 4.70 12.54 8.16
C ILE A 31 3.36 13.21 8.53
N GLU A 32 3.11 14.38 7.93
CA GLU A 32 1.87 15.12 8.20
C GLU A 32 0.60 14.33 7.90
N ARG A 33 0.53 13.83 6.67
CA ARG A 33 -0.62 13.08 6.22
C ARG A 33 -0.90 11.86 7.10
N SER A 34 0.15 11.30 7.69
CA SER A 34 -0.01 10.10 8.50
C SER A 34 -1.04 10.22 9.63
N HIS A 35 -1.27 11.46 10.07
CA HIS A 35 -2.17 11.68 11.19
C HIS A 35 -3.63 11.32 11.00
N PHE A 36 -4.06 11.26 9.74
CA PHE A 36 -5.46 10.99 9.39
C PHE A 36 -5.71 9.65 8.72
N ALA A 37 -6.94 9.17 8.85
CA ALA A 37 -7.34 7.90 8.26
C ALA A 37 -7.19 7.99 6.74
N THR A 38 -7.41 6.87 6.05
CA THR A 38 -7.31 6.84 4.60
C THR A 38 -8.25 7.81 3.89
N CYS A 39 -9.49 7.89 4.36
CA CYS A 39 -10.49 8.78 3.78
C CYS A 39 -10.77 8.52 2.31
N PRO A 40 -11.33 7.35 2.03
CA PRO A 40 -11.69 6.89 0.69
C PRO A 40 -12.60 7.89 -0.03
N SER A 41 -13.65 8.32 0.67
CA SER A 41 -14.63 9.24 0.12
C SER A 41 -14.10 10.52 -0.46
N VAL A 42 -12.89 10.87 -0.08
CA VAL A 42 -12.28 12.10 -0.54
C VAL A 42 -11.77 12.00 -1.97
N TYR A 43 -11.41 10.78 -2.39
CA TYR A 43 -10.82 10.57 -3.71
C TYR A 43 -11.77 10.05 -4.74
N GLU A 44 -12.94 9.63 -4.25
CA GLU A 44 -14.03 9.08 -5.04
C GLU A 44 -14.71 10.23 -5.77
N ALA A 45 -14.69 10.17 -7.09
CA ALA A 45 -15.29 11.21 -7.93
C ALA A 45 -16.80 11.28 -7.73
N ASN A 46 -17.35 12.48 -7.81
CA ASN A 46 -18.77 12.75 -7.65
C ASN A 46 -19.47 11.89 -6.59
N HIS A 47 -18.95 11.99 -5.38
CA HIS A 47 -19.50 11.26 -4.25
C HIS A 47 -20.80 11.92 -3.80
N PRO A 48 -21.88 11.14 -3.66
CA PRO A 48 -23.16 11.72 -3.22
C PRO A 48 -22.95 12.08 -1.75
N GLY A 49 -23.35 13.28 -1.36
CA GLY A 49 -23.08 13.66 0.01
C GLY A 49 -21.91 14.65 0.02
N LEU A 50 -21.09 14.63 -1.04
CA LEU A 50 -19.97 15.57 -1.19
C LEU A 50 -20.00 16.25 -2.55
N GLU A 51 -21.19 16.34 -3.12
CA GLU A 51 -21.40 16.97 -4.42
C GLU A 51 -21.28 18.49 -4.44
N ILE A 52 -20.53 18.96 -5.41
CA ILE A 52 -20.29 20.38 -5.61
C ILE A 52 -20.94 20.58 -6.94
N PRO A 53 -21.98 21.44 -6.99
CA PRO A 53 -22.76 21.77 -8.19
C PRO A 53 -21.93 22.32 -9.33
N ASN A 54 -22.27 21.90 -10.55
CA ASN A 54 -21.57 22.33 -11.76
C ASN A 54 -20.11 21.98 -11.75
N PHE A 55 -19.78 20.96 -10.96
CA PHE A 55 -18.40 20.49 -10.85
C PHE A 55 -18.40 18.98 -10.88
N LYS A 56 -17.53 18.43 -11.72
CA LYS A 56 -17.37 16.99 -11.82
C LYS A 56 -15.95 16.50 -11.57
N GLY A 57 -15.83 15.67 -10.54
CA GLY A 57 -14.56 15.10 -10.12
C GLY A 57 -14.67 14.77 -8.64
N SER A 58 -13.57 14.38 -8.00
CA SER A 58 -13.55 14.05 -6.58
C SER A 58 -13.33 15.24 -5.65
N PHE A 59 -13.73 15.09 -4.39
CA PHE A 59 -13.54 16.16 -3.41
C PHE A 59 -12.11 16.71 -3.56
N LEU A 60 -11.14 15.81 -3.61
CA LEU A 60 -9.75 16.18 -3.81
C LEU A 60 -9.57 17.01 -5.09
N ASP A 61 -10.23 16.60 -6.16
CA ASP A 61 -10.12 17.31 -7.44
C ASP A 61 -10.53 18.74 -7.29
N TRP A 62 -11.64 18.92 -6.59
CA TRP A 62 -12.13 20.26 -6.36
C TRP A 62 -11.07 21.01 -5.60
N ALA A 63 -10.81 20.52 -4.39
CA ALA A 63 -9.84 21.13 -3.53
C ALA A 63 -8.57 21.49 -4.30
N LEU A 64 -8.12 20.63 -5.19
CA LEU A 64 -6.90 20.88 -5.92
C LEU A 64 -6.96 21.95 -6.97
N SER A 65 -8.10 22.06 -7.63
CA SER A 65 -8.31 23.06 -8.67
C SER A 65 -8.37 24.45 -8.03
N ASN A 66 -9.16 24.56 -6.96
CA ASN A 66 -9.31 25.82 -6.23
C ASN A 66 -7.93 26.32 -5.87
N LEU A 67 -7.21 25.51 -5.11
CA LEU A 67 -5.87 25.84 -4.66
C LEU A 67 -4.98 26.25 -5.83
N GLU A 68 -5.10 25.52 -6.96
CA GLU A 68 -4.27 25.84 -8.10
C GLU A 68 -4.53 27.22 -8.65
N ILE A 69 -5.76 27.74 -8.51
CA ILE A 69 -6.00 29.10 -9.01
C ILE A 69 -5.37 30.07 -8.05
N ALA A 70 -5.40 29.72 -6.77
CA ALA A 70 -4.77 30.55 -5.76
C ALA A 70 -3.27 30.66 -6.10
N HIS A 71 -2.58 29.53 -6.21
CA HIS A 71 -1.15 29.57 -6.51
C HIS A 71 -0.89 30.18 -7.87
N SER A 72 -1.84 29.92 -8.77
CA SER A 72 -1.82 30.41 -10.15
C SER A 72 -1.64 31.91 -10.03
N ARG A 73 -2.44 32.49 -9.14
CA ARG A 73 -2.43 33.92 -8.91
C ARG A 73 -1.12 34.51 -8.46
N ILE A 74 -0.40 33.80 -7.59
CA ILE A 74 0.89 34.30 -7.13
C ILE A 74 2.04 33.88 -8.06
N ARG A 75 1.68 33.64 -9.32
CA ARG A 75 2.58 33.23 -10.42
C ARG A 75 3.27 31.87 -10.30
N ARG A 76 2.69 30.91 -9.60
CA ARG A 76 3.36 29.63 -9.40
C ARG A 76 3.82 28.87 -10.66
N PHE A 77 2.83 28.47 -11.46
CA PHE A 77 3.05 27.68 -12.67
C PHE A 77 3.72 28.36 -13.85
N GLU A 78 4.03 29.63 -13.67
CA GLU A 78 4.71 30.42 -14.68
C GLU A 78 6.18 29.98 -14.64
N SER A 79 6.52 29.19 -13.64
CA SER A 79 7.88 28.67 -13.43
C SER A 79 8.08 27.28 -14.07
N PRO A 80 9.22 27.09 -14.76
CA PRO A 80 9.56 25.83 -15.43
C PRO A 80 9.65 24.59 -14.56
N ASP A 81 9.89 24.76 -13.27
CA ASP A 81 9.99 23.58 -12.43
C ASP A 81 8.65 23.27 -11.78
N GLU A 82 7.64 24.07 -12.10
CA GLU A 82 6.31 23.89 -11.55
C GLU A 82 5.34 23.53 -12.67
N THR A 83 4.76 22.33 -12.57
CA THR A 83 3.80 21.89 -13.57
C THR A 83 2.46 21.57 -12.87
N PRO A 84 1.38 22.26 -13.28
CA PRO A 84 0.02 22.12 -12.75
C PRO A 84 -0.70 20.85 -13.06
N PHE A 85 -1.56 20.43 -12.14
CA PHE A 85 -2.37 19.23 -12.31
C PHE A 85 -3.53 19.45 -13.27
N PHE A 86 -4.10 20.65 -13.24
CA PHE A 86 -5.21 21.01 -14.11
C PHE A 86 -4.71 22.18 -14.95
N PRO A 87 -3.75 21.92 -15.85
CA PRO A 87 -3.06 22.84 -16.76
C PRO A 87 -3.90 23.74 -17.66
N ASP A 88 -4.80 23.16 -18.44
CA ASP A 88 -5.65 23.93 -19.33
C ASP A 88 -6.85 24.42 -18.51
N LYS A 89 -6.60 25.25 -17.51
CA LYS A 89 -7.68 25.70 -16.64
C LYS A 89 -7.24 26.86 -15.73
N ILE A 90 -5.97 27.26 -15.80
CA ILE A 90 -5.47 28.39 -14.98
C ILE A 90 -5.37 29.65 -15.84
N GLN A 91 -5.55 30.83 -15.23
CA GLN A 91 -5.52 32.14 -15.94
C GLN A 91 -4.27 32.97 -15.67
N LYS A 92 -3.91 33.83 -16.62
CA LYS A 92 -2.75 34.70 -16.44
C LYS A 92 -3.09 35.75 -15.38
N SER A 93 -2.25 35.79 -14.34
CA SER A 93 -2.42 36.68 -13.20
C SER A 93 -2.43 38.19 -13.43
N PHE A 94 -2.71 38.90 -12.35
CA PHE A 94 -2.77 40.34 -12.31
C PHE A 94 -1.45 40.67 -11.62
N LEU A 95 -0.33 40.62 -12.33
CA LEU A 95 0.99 40.91 -11.76
C LEU A 95 1.97 40.85 -12.87
N PRO A 96 2.99 41.73 -12.85
CA PRO A 96 3.99 41.72 -13.92
C PRO A 96 4.61 40.34 -13.95
N SER A 97 5.09 39.94 -15.11
CA SER A 97 5.66 38.61 -15.16
C SER A 97 7.17 38.56 -15.17
N ILE A 98 7.68 37.58 -14.42
CA ILE A 98 9.11 37.35 -14.34
C ILE A 98 9.40 36.71 -15.68
N ASN A 99 10.37 37.29 -16.37
CA ASN A 99 10.70 36.81 -17.70
C ASN A 99 11.87 35.83 -17.63
N TYR A 100 11.55 34.60 -17.21
CA TYR A 100 12.54 33.52 -17.08
C TYR A 100 13.16 33.21 -18.45
N PRO A 101 14.49 33.34 -18.59
CA PRO A 101 15.11 33.05 -19.89
C PRO A 101 15.04 31.53 -20.22
N GLN A 102 14.79 31.21 -21.49
CA GLN A 102 14.67 29.82 -21.89
C GLN A 102 15.82 28.91 -21.53
N ILE A 103 15.50 27.89 -20.75
CA ILE A 103 16.47 26.87 -20.33
C ILE A 103 16.10 25.55 -21.04
N LEU A 104 14.86 25.13 -20.87
CA LEU A 104 14.36 23.91 -21.50
C LEU A 104 13.82 24.19 -22.91
N ALA A 105 13.67 23.13 -23.68
CA ALA A 105 13.13 23.25 -25.02
C ALA A 105 11.65 23.61 -24.84
N PRO A 106 11.12 24.49 -25.71
CA PRO A 106 9.75 25.01 -25.75
C PRO A 106 8.59 24.07 -25.39
N TYR A 107 8.56 22.87 -25.97
CA TYR A 107 7.50 21.92 -25.68
C TYR A 107 7.57 21.36 -24.23
N ALA A 108 8.64 21.72 -23.51
CA ALA A 108 8.85 21.28 -22.13
C ALA A 108 7.58 21.17 -21.23
N PRO A 109 6.71 22.22 -21.23
CA PRO A 109 5.48 22.22 -20.41
C PRO A 109 4.49 21.11 -20.76
N GLU A 110 4.57 20.64 -21.99
CA GLU A 110 3.66 19.61 -22.45
C GLU A 110 3.81 18.26 -21.74
N VAL A 111 5.02 17.96 -21.28
CA VAL A 111 5.31 16.71 -20.58
C VAL A 111 4.62 16.78 -19.19
N ASN A 112 3.54 16.03 -19.01
CA ASN A 112 2.82 16.17 -17.76
C ASN A 112 2.21 14.92 -17.09
N TYR A 113 3.06 14.24 -16.31
CA TYR A 113 2.65 13.03 -15.61
C TYR A 113 1.79 13.19 -14.36
N ASN A 114 1.22 14.36 -14.15
CA ASN A 114 0.42 14.56 -12.96
C ASN A 114 -0.78 13.65 -12.87
N ASP A 115 -1.27 13.26 -14.04
CA ASP A 115 -2.43 12.37 -14.10
C ASP A 115 -2.06 11.02 -13.48
N LYS A 116 -0.87 10.54 -13.85
CA LYS A 116 -0.35 9.29 -13.33
C LYS A 116 -0.05 9.47 -11.84
N ILE A 117 0.78 10.48 -11.55
CA ILE A 117 1.20 10.80 -10.18
C ILE A 117 0.03 10.93 -9.25
N LYS A 118 -1.01 11.62 -9.68
CA LYS A 118 -2.17 11.75 -8.80
C LYS A 118 -2.75 10.38 -8.51
N LYS A 119 -2.88 9.58 -9.57
CA LYS A 119 -3.47 8.25 -9.47
C LYS A 119 -2.73 7.30 -8.52
N VAL A 120 -1.45 7.13 -8.81
CA VAL A 120 -0.58 6.27 -8.05
C VAL A 120 -0.46 6.76 -6.60
N TYR A 121 -0.51 8.07 -6.41
CA TYR A 121 -0.41 8.60 -5.06
C TYR A 121 -1.62 8.11 -4.28
N ILE A 122 -2.77 8.26 -4.89
CA ILE A 122 -4.02 7.92 -4.25
C ILE A 122 -4.19 6.46 -3.94
N GLU A 123 -3.67 5.62 -4.83
CA GLU A 123 -3.78 4.18 -4.68
C GLU A 123 -2.63 3.41 -4.06
N LYS A 124 -1.41 3.76 -4.43
CA LYS A 124 -0.24 3.11 -3.88
C LYS A 124 0.32 3.82 -2.65
N ILE A 125 0.53 5.13 -2.72
CA ILE A 125 1.10 5.88 -1.59
C ILE A 125 0.20 6.01 -0.36
N ILE A 126 -1.01 6.47 -0.53
CA ILE A 126 -1.89 6.63 0.63
C ILE A 126 -1.93 5.46 1.62
N PRO A 127 -2.22 4.22 1.16
CA PRO A 127 -2.28 3.09 2.09
C PRO A 127 -1.01 2.87 2.93
N LEU A 128 0.14 3.32 2.42
CA LEU A 128 1.42 3.15 3.10
C LEU A 128 1.79 4.25 4.09
N ILE A 129 1.13 5.39 3.99
CA ILE A 129 1.45 6.50 4.90
C ILE A 129 0.31 6.81 5.84
N SER A 130 -0.89 6.35 5.52
CA SER A 130 -2.03 6.62 6.42
C SER A 130 -2.16 5.58 7.53
N LYS A 131 -2.54 6.07 8.70
CA LYS A 131 -2.66 5.24 9.89
C LYS A 131 -3.77 4.19 9.97
N ARG A 132 -4.99 4.69 10.19
CA ARG A 132 -6.18 3.87 10.34
C ARG A 132 -6.75 3.73 8.94
N ASP A 133 -7.91 3.11 8.83
CA ASP A 133 -8.51 2.90 7.52
C ASP A 133 -10.00 3.24 7.61
N GLY A 134 -10.46 4.11 6.72
CA GLY A 134 -11.86 4.49 6.73
C GLY A 134 -12.05 5.98 6.48
N ASP A 135 -13.26 6.46 6.68
CA ASP A 135 -13.56 7.85 6.50
C ASP A 135 -13.55 8.63 7.80
N ASP A 136 -12.70 9.65 7.85
CA ASP A 136 -12.61 10.54 9.00
C ASP A 136 -13.55 11.69 8.54
N LYS A 137 -14.86 11.49 8.72
CA LYS A 137 -15.88 12.44 8.27
C LYS A 137 -15.74 13.94 8.43
N ASN A 138 -14.96 14.41 9.38
CA ASN A 138 -14.82 15.85 9.48
C ASN A 138 -13.39 16.32 9.40
N ASN A 139 -12.62 15.58 8.62
CA ASN A 139 -11.24 15.91 8.38
C ASN A 139 -10.95 15.80 6.91
N PHE A 140 -12.02 15.67 6.13
CA PHE A 140 -11.85 15.57 4.68
C PHE A 140 -11.05 16.76 4.17
N GLY A 141 -11.38 17.95 4.66
CA GLY A 141 -10.68 19.14 4.21
C GLY A 141 -9.23 19.04 4.56
N SER A 142 -9.01 18.67 5.83
CA SER A 142 -7.69 18.49 6.40
C SER A 142 -6.89 17.58 5.50
N VAL A 143 -7.37 16.34 5.42
CA VAL A 143 -6.76 15.31 4.60
C VAL A 143 -6.38 15.88 3.23
N ALA A 144 -7.36 16.51 2.59
CA ALA A 144 -7.20 17.10 1.25
C ALA A 144 -6.06 18.09 1.11
N THR A 145 -5.99 19.08 1.99
CA THR A 145 -4.93 20.08 1.91
C THR A 145 -3.56 19.46 2.08
N ARG A 146 -3.53 18.34 2.79
CA ARG A 146 -2.29 17.66 2.98
C ARG A 146 -1.90 16.90 1.71
N ASP A 147 -2.84 16.10 1.19
CA ASP A 147 -2.58 15.30 -0.01
C ASP A 147 -2.01 16.20 -1.08
N ILE A 148 -2.47 17.45 -1.07
CA ILE A 148 -2.06 18.42 -2.04
C ILE A 148 -0.62 18.83 -1.98
N GLU A 149 -0.11 18.99 -0.77
CA GLU A 149 1.28 19.38 -0.65
C GLU A 149 2.14 18.24 -1.07
N CYS A 150 1.82 17.04 -0.60
CA CYS A 150 2.55 15.83 -0.97
C CYS A 150 2.62 15.87 -2.48
N LEU A 151 1.42 15.93 -3.08
CA LEU A 151 1.28 15.96 -4.52
C LEU A 151 2.12 16.99 -5.25
N GLN A 152 2.16 18.21 -4.73
CA GLN A 152 2.92 19.26 -5.38
C GLN A 152 4.41 19.03 -5.30
N SER A 153 4.87 18.52 -4.15
CA SER A 153 6.30 18.21 -3.93
C SER A 153 6.68 17.12 -4.92
N LEU A 154 5.89 16.04 -4.82
CA LEU A 154 6.04 14.87 -5.66
C LEU A 154 6.17 15.31 -7.10
N SER A 155 5.30 16.22 -7.53
CA SER A 155 5.35 16.69 -8.88
C SER A 155 6.57 17.52 -9.23
N ARG A 156 6.98 18.38 -8.30
CA ARG A 156 8.13 19.22 -8.61
C ARG A 156 9.32 18.31 -8.88
N ARG A 157 9.58 17.44 -7.89
CA ARG A 157 10.69 16.47 -7.91
C ARG A 157 10.67 15.66 -9.20
N ILE A 158 9.58 14.94 -9.39
CA ILE A 158 9.42 14.08 -10.54
C ILE A 158 9.60 14.84 -11.86
N HIS A 159 8.91 15.97 -12.00
CA HIS A 159 9.06 16.72 -13.23
C HIS A 159 10.41 17.37 -13.40
N PHE A 160 11.32 17.10 -12.46
CA PHE A 160 12.67 17.62 -12.56
C PHE A 160 13.43 16.81 -13.63
N GLY A 161 12.85 15.69 -14.04
CA GLY A 161 13.48 14.87 -15.04
C GLY A 161 13.90 15.65 -16.28
N LYS A 162 13.06 16.64 -16.61
CA LYS A 162 13.26 17.50 -17.77
C LYS A 162 14.61 18.21 -17.76
N PHE A 163 15.02 18.67 -16.58
CA PHE A 163 16.26 19.40 -16.44
C PHE A 163 17.41 18.45 -16.56
N VAL A 164 17.29 17.35 -15.82
CA VAL A 164 18.30 16.31 -15.80
C VAL A 164 18.52 15.88 -17.23
N ALA A 165 17.40 15.52 -17.86
CA ALA A 165 17.40 15.06 -19.23
C ALA A 165 18.18 16.07 -20.07
N GLU A 166 17.69 17.30 -20.11
CA GLU A 166 18.36 18.36 -20.85
C GLU A 166 19.88 18.42 -20.55
N ALA A 167 20.20 18.49 -19.26
CA ALA A 167 21.58 18.55 -18.80
C ALA A 167 22.43 17.42 -19.40
N LYS A 168 21.90 16.20 -19.35
CA LYS A 168 22.60 15.04 -19.88
C LYS A 168 22.76 15.17 -21.39
N PHE A 169 21.66 15.52 -22.06
CA PHE A 169 21.67 15.67 -23.51
C PHE A 169 22.83 16.56 -23.91
N GLN A 170 23.00 17.63 -23.17
CA GLN A 170 24.07 18.57 -23.42
C GLN A 170 25.39 17.84 -23.44
N SER A 171 25.67 17.12 -22.36
CA SER A 171 26.93 16.39 -22.19
C SER A 171 27.42 15.54 -23.35
N ASP A 172 26.50 15.01 -24.18
CA ASP A 172 26.91 14.19 -25.31
C ASP A 172 25.86 14.23 -26.43
N ILE A 173 25.76 15.38 -27.09
CA ILE A 173 24.76 15.53 -28.15
C ILE A 173 24.78 14.46 -29.25
N PRO A 174 25.95 14.18 -29.88
CA PRO A 174 25.92 13.15 -30.94
C PRO A 174 25.28 11.82 -30.49
N LEU A 175 25.77 11.26 -29.37
CA LEU A 175 25.25 10.01 -28.83
C LEU A 175 23.73 9.99 -28.61
N TYR A 176 23.24 11.05 -27.98
CA TYR A 176 21.82 11.17 -27.72
C TYR A 176 20.97 11.35 -29.00
N THR A 177 21.43 12.22 -29.90
CA THR A 177 20.72 12.48 -31.17
C THR A 177 20.53 11.14 -31.88
N LYS A 178 21.63 10.40 -32.03
CA LYS A 178 21.62 9.08 -32.65
C LYS A 178 20.48 8.26 -32.03
N LEU A 179 20.59 7.96 -30.74
CA LEU A 179 19.59 7.20 -29.99
C LEU A 179 18.16 7.69 -30.21
N ILE A 180 18.01 9.01 -30.23
CA ILE A 180 16.71 9.67 -30.42
C ILE A 180 16.13 9.40 -31.79
N LYS A 181 16.94 9.62 -32.84
CA LYS A 181 16.55 9.36 -34.23
C LYS A 181 16.10 7.89 -34.27
N SER A 182 16.97 7.05 -33.70
CA SER A 182 16.76 5.61 -33.61
C SER A 182 15.46 5.27 -32.87
N LYS A 183 14.94 6.22 -32.09
CA LYS A 183 13.73 6.01 -31.29
C LYS A 183 14.00 4.74 -30.47
N ASP A 184 15.26 4.67 -30.01
CA ASP A 184 15.80 3.57 -29.22
C ASP A 184 15.54 3.72 -27.70
N VAL A 185 14.34 3.31 -27.29
CA VAL A 185 13.89 3.38 -25.90
C VAL A 185 14.87 2.82 -24.88
N GLU A 186 15.11 1.51 -24.97
CA GLU A 186 16.00 0.82 -24.04
C GLU A 186 17.42 1.40 -24.03
N GLY A 187 17.88 1.82 -25.22
CA GLY A 187 19.22 2.37 -25.36
C GLY A 187 19.40 3.67 -24.60
N ILE A 188 18.42 4.55 -24.72
CA ILE A 188 18.45 5.84 -24.02
C ILE A 188 18.38 5.54 -22.51
N MET A 189 17.33 4.83 -22.11
CA MET A 189 17.07 4.45 -20.73
C MET A 189 18.33 3.99 -19.99
N LYS A 190 18.94 2.90 -20.48
CA LYS A 190 20.16 2.37 -19.86
C LYS A 190 21.30 3.41 -19.81
N ASN A 191 21.32 4.33 -20.76
CA ASN A 191 22.34 5.35 -20.80
C ASN A 191 22.09 6.41 -19.71
N ILE A 192 20.83 6.82 -19.54
CA ILE A 192 20.51 7.80 -18.50
C ILE A 192 20.49 7.21 -17.09
N THR A 193 20.16 5.92 -16.98
CA THR A 193 20.08 5.28 -15.65
C THR A 193 21.45 5.15 -15.01
N ASN A 194 21.56 5.65 -13.79
CA ASN A 194 22.77 5.56 -12.97
C ASN A 194 22.37 4.91 -11.63
N SER A 195 22.44 3.58 -11.59
CA SER A 195 22.04 2.82 -10.41
C SER A 195 22.77 3.13 -9.13
N ALA A 196 23.99 3.65 -9.26
CA ALA A 196 24.81 3.98 -8.09
C ALA A 196 24.23 5.15 -7.33
N VAL A 197 23.81 6.18 -8.07
CA VAL A 197 23.22 7.36 -7.46
C VAL A 197 21.95 6.95 -6.76
N GLU A 198 21.08 6.32 -7.53
CA GLU A 198 19.82 5.89 -6.97
C GLU A 198 20.00 4.88 -5.88
N GLU A 199 21.19 4.32 -5.80
CA GLU A 199 21.44 3.36 -4.76
C GLU A 199 21.61 4.07 -3.40
N LYS A 200 22.37 5.17 -3.42
CA LYS A 200 22.65 6.01 -2.23
C LYS A 200 21.37 6.66 -1.70
N ILE A 201 20.53 7.10 -2.65
CA ILE A 201 19.25 7.73 -2.34
C ILE A 201 18.44 6.85 -1.40
N LEU A 202 18.15 5.63 -1.85
CA LEU A 202 17.38 4.67 -1.03
C LEU A 202 17.98 4.44 0.36
N GLU A 203 19.31 4.45 0.45
CA GLU A 203 19.98 4.28 1.73
C GLU A 203 19.71 5.44 2.68
N ARG A 204 20.02 6.67 2.24
CA ARG A 204 19.80 7.83 3.10
C ARG A 204 18.34 7.99 3.56
N LEU A 205 17.40 7.74 2.65
CA LEU A 205 15.98 7.81 2.98
C LEU A 205 15.64 6.92 4.16
N THR A 206 16.32 5.77 4.25
CA THR A 206 16.04 4.85 5.33
C THR A 206 16.48 5.53 6.62
N LYS A 207 17.65 6.17 6.61
CA LYS A 207 18.13 6.82 7.82
C LYS A 207 17.23 7.99 8.24
N LYS A 208 16.81 8.81 7.29
CA LYS A 208 15.97 9.95 7.59
C LYS A 208 14.60 9.54 8.14
N ALA A 209 14.02 8.49 7.58
CA ALA A 209 12.73 8.04 8.05
C ALA A 209 12.83 7.55 9.51
N GLU A 210 14.04 7.17 9.90
CA GLU A 210 14.32 6.68 11.25
C GLU A 210 14.52 7.79 12.27
N VAL A 211 15.09 8.91 11.85
CA VAL A 211 15.30 10.04 12.76
C VAL A 211 14.08 10.96 12.81
N TYR A 212 13.64 11.40 11.64
CA TYR A 212 12.50 12.29 11.54
C TYR A 212 11.23 11.56 11.89
N GLY A 213 11.21 10.26 11.61
CA GLY A 213 10.02 9.46 11.87
C GLY A 213 9.63 9.23 13.33
N VAL A 214 10.51 9.52 14.28
CA VAL A 214 10.22 9.29 15.69
C VAL A 214 10.42 10.48 16.61
N ASP A 215 9.55 10.58 17.62
CA ASP A 215 9.59 11.66 18.60
C ASP A 215 10.91 11.53 19.35
N PRO A 216 11.83 12.50 19.14
CA PRO A 216 13.13 12.47 19.79
C PRO A 216 13.16 12.61 21.30
N THR A 217 12.05 12.30 21.97
CA THR A 217 11.94 12.37 23.44
C THR A 217 10.97 11.30 23.99
N GLU A 222 4.07 7.18 18.38
CA GLU A 222 5.30 7.58 17.64
C GLU A 222 5.43 6.74 16.36
N ARG A 223 6.40 7.07 15.50
CA ARG A 223 6.59 6.39 14.20
C ARG A 223 5.51 6.85 13.25
N ARG A 224 5.73 8.02 12.67
CA ARG A 224 4.74 8.58 11.77
C ARG A 224 5.06 8.17 10.33
N ILE A 225 6.23 7.56 10.13
CA ILE A 225 6.63 7.12 8.79
C ILE A 225 7.41 5.80 8.91
N THR A 226 7.15 4.87 7.98
CA THR A 226 7.83 3.57 7.94
C THR A 226 8.98 3.58 6.93
N PRO A 227 10.23 3.54 7.41
CA PRO A 227 11.44 3.56 6.58
C PRO A 227 11.34 2.71 5.30
N GLU A 228 11.03 1.42 5.46
CA GLU A 228 10.90 0.47 4.36
C GLU A 228 9.82 0.91 3.36
N TYR A 229 8.71 1.43 3.87
CA TYR A 229 7.66 1.92 3.00
C TYR A 229 8.16 3.09 2.16
N LEU A 230 8.87 4.02 2.78
CA LEU A 230 9.38 5.17 2.06
C LEU A 230 10.31 4.73 0.94
N VAL A 231 11.01 3.63 1.18
CA VAL A 231 11.94 3.10 0.20
C VAL A 231 11.11 2.50 -0.94
N LYS A 232 10.11 1.72 -0.55
CA LYS A 232 9.18 1.10 -1.48
C LYS A 232 8.66 2.19 -2.43
N ILE A 233 8.11 3.25 -1.84
CA ILE A 233 7.58 4.42 -2.56
C ILE A 233 8.59 5.05 -3.53
N TYR A 234 9.73 5.49 -3.03
CA TYR A 234 10.74 6.08 -3.90
C TYR A 234 11.21 5.09 -4.99
N LYS A 235 11.45 3.85 -4.58
CA LYS A 235 11.90 2.80 -5.49
C LYS A 235 10.90 2.42 -6.59
N GLU A 236 9.65 2.17 -6.19
CA GLU A 236 8.61 1.77 -7.11
C GLU A 236 7.88 2.90 -7.83
N ILE A 237 7.94 4.12 -7.30
CA ILE A 237 7.20 5.22 -7.92
C ILE A 237 8.03 6.46 -8.31
N VAL A 238 8.54 7.10 -7.28
CA VAL A 238 9.29 8.30 -7.47
C VAL A 238 10.43 8.20 -8.48
N ILE A 239 11.31 7.22 -8.30
CA ILE A 239 12.44 7.06 -9.21
C ILE A 239 12.04 6.58 -10.61
N PRO A 240 11.10 5.62 -10.67
CA PRO A 240 10.65 5.10 -11.96
C PRO A 240 10.12 6.22 -12.87
N ILE A 241 9.08 6.89 -12.39
CA ILE A 241 8.42 7.95 -13.12
C ILE A 241 9.32 9.13 -13.50
N THR A 242 10.27 9.44 -12.63
CA THR A 242 11.19 10.53 -12.96
C THR A 242 11.90 10.13 -14.27
N LYS A 243 12.27 8.85 -14.38
CA LYS A 243 12.90 8.37 -15.59
C LYS A 243 11.98 8.39 -16.80
N GLU A 244 10.69 8.07 -16.61
CA GLU A 244 9.73 8.14 -17.74
C GLU A 244 9.84 9.53 -18.32
N VAL A 245 9.66 10.53 -17.47
CA VAL A 245 9.78 11.94 -17.87
C VAL A 245 11.05 12.14 -18.68
N GLU A 246 12.16 11.69 -18.12
CA GLU A 246 13.46 11.81 -18.76
C GLU A 246 13.47 11.35 -20.22
N VAL A 247 12.99 10.13 -20.47
CA VAL A 247 12.96 9.63 -21.85
C VAL A 247 11.97 10.39 -22.72
N GLU A 248 10.72 10.52 -22.25
CA GLU A 248 9.72 11.24 -23.04
C GLU A 248 10.29 12.58 -23.51
N TYR A 249 10.92 13.31 -22.59
CA TYR A 249 11.53 14.61 -22.91
C TYR A 249 12.59 14.42 -24.02
N LEU A 250 13.45 13.42 -23.84
CA LEU A 250 14.51 13.14 -24.78
C LEU A 250 14.10 12.84 -26.22
N LEU A 251 13.05 12.06 -26.41
CA LEU A 251 12.58 11.71 -27.75
C LEU A 251 12.14 12.93 -28.54
N ARG A 252 11.32 13.77 -27.91
CA ARG A 252 10.85 14.99 -28.56
C ARG A 252 11.94 16.07 -28.60
N ARG A 253 13.16 15.73 -28.16
CA ARG A 253 14.23 16.72 -28.10
C ARG A 253 14.77 17.19 -29.45
N LEU A 254 14.39 16.52 -30.53
CA LEU A 254 14.87 16.97 -31.83
C LEU A 254 13.79 17.58 -32.72
N GLU A 255 12.60 17.88 -32.16
CA GLU A 255 11.50 18.46 -32.93
C GLU A 255 11.83 19.80 -33.61
N GLU A 256 10.86 20.33 -34.38
CA GLU A 256 11.06 21.60 -35.10
C GLU A 256 10.92 22.77 -34.12
N MET B 1 -12.27 -26.22 23.21
CA MET B 1 -13.05 -25.83 22.00
C MET B 1 -13.02 -27.01 21.02
N ASP B 2 -14.01 -27.88 21.20
CA ASP B 2 -14.22 -29.12 20.44
C ASP B 2 -15.25 -28.90 19.31
N PHE B 3 -14.83 -29.05 18.06
CA PHE B 3 -15.74 -28.86 16.92
C PHE B 3 -16.97 -29.78 16.80
N THR B 4 -17.11 -30.73 17.70
CA THR B 4 -18.27 -31.61 17.66
C THR B 4 -19.19 -31.33 18.85
N LYS B 5 -18.84 -30.30 19.61
CA LYS B 5 -19.63 -29.83 20.75
C LYS B 5 -19.82 -28.36 20.42
N PRO B 6 -20.85 -28.02 19.61
CA PRO B 6 -21.12 -26.64 19.21
C PRO B 6 -21.00 -25.59 20.33
N GLU B 7 -21.65 -25.85 21.46
CA GLU B 7 -21.65 -24.94 22.60
C GLU B 7 -20.26 -24.52 23.07
N THR B 8 -19.28 -25.41 22.96
CA THR B 8 -17.92 -25.12 23.41
C THR B 8 -17.17 -24.25 22.39
N VAL B 9 -17.70 -24.17 21.17
CA VAL B 9 -17.12 -23.35 20.11
C VAL B 9 -17.78 -21.96 20.18
N LEU B 10 -19.04 -21.93 20.61
CA LEU B 10 -19.77 -20.68 20.71
C LEU B 10 -19.65 -20.04 22.08
N ASN B 11 -18.52 -20.27 22.75
CA ASN B 11 -18.24 -19.67 24.06
C ASN B 11 -17.15 -18.67 23.76
N LEU B 12 -17.50 -17.39 23.90
CA LEU B 12 -16.61 -16.27 23.62
C LEU B 12 -15.23 -16.31 24.28
N GLN B 13 -15.14 -16.86 25.49
CA GLN B 13 -13.84 -16.93 26.13
C GLN B 13 -12.99 -17.94 25.40
N ASN B 14 -13.56 -19.11 25.16
CA ASN B 14 -12.84 -20.17 24.47
C ASN B 14 -12.29 -19.69 23.14
N ILE B 15 -13.11 -18.95 22.42
CA ILE B 15 -12.73 -18.45 21.11
C ILE B 15 -11.53 -17.54 21.21
N ARG B 16 -11.54 -16.71 22.26
CA ARG B 16 -10.44 -15.78 22.53
C ARG B 16 -9.12 -16.51 22.83
N ASP B 17 -9.22 -17.57 23.63
CA ASP B 17 -8.07 -18.42 24.03
C ASP B 17 -7.37 -18.97 22.80
N GLU B 18 -8.16 -19.55 21.90
CA GLU B 18 -7.64 -20.14 20.69
C GLU B 18 -6.92 -19.08 19.84
N LEU B 19 -7.46 -17.86 19.86
CA LEU B 19 -6.90 -16.76 19.08
C LEU B 19 -5.54 -16.34 19.63
N VAL B 20 -5.32 -16.66 20.91
CA VAL B 20 -4.07 -16.37 21.59
C VAL B 20 -3.02 -17.39 21.16
N ARG B 21 -3.40 -18.68 21.15
CA ARG B 21 -2.44 -19.72 20.77
C ARG B 21 -1.89 -19.39 19.39
N MET B 22 -2.75 -18.76 18.58
CA MET B 22 -2.38 -18.43 17.24
C MET B 22 -1.33 -17.36 17.09
N GLU B 23 -1.21 -16.53 18.12
CA GLU B 23 -0.23 -15.45 18.10
C GLU B 23 1.16 -16.01 17.90
N ASP B 24 1.48 -17.03 18.70
CA ASP B 24 2.78 -17.67 18.64
C ASP B 24 2.97 -18.25 17.27
N SER B 25 1.99 -19.05 16.86
CA SER B 25 2.07 -19.67 15.56
C SER B 25 2.45 -18.70 14.48
N ILE B 26 1.77 -17.56 14.45
CA ILE B 26 2.02 -16.56 13.45
C ILE B 26 3.41 -15.99 13.60
N ILE B 27 3.80 -15.79 14.85
CA ILE B 27 5.13 -15.25 15.07
C ILE B 27 6.13 -16.18 14.44
N PHE B 28 5.99 -17.47 14.75
CA PHE B 28 6.90 -18.47 14.23
C PHE B 28 7.00 -18.41 12.72
N LYS B 29 5.84 -18.41 12.05
CA LYS B 29 5.79 -18.34 10.61
C LYS B 29 6.47 -17.10 10.06
N PHE B 30 6.27 -15.99 10.77
CA PHE B 30 6.85 -14.70 10.40
C PHE B 30 8.34 -14.80 10.52
N ILE B 31 8.75 -15.34 11.68
CA ILE B 31 10.16 -15.56 12.00
C ILE B 31 10.76 -16.36 10.85
N GLU B 32 10.04 -17.38 10.39
CA GLU B 32 10.55 -18.19 9.30
C GLU B 32 10.75 -17.40 8.02
N ARG B 33 9.67 -16.74 7.58
CA ARG B 33 9.73 -15.94 6.36
C ARG B 33 10.89 -14.89 6.40
N SER B 34 11.13 -14.32 7.58
CA SER B 34 12.13 -13.29 7.75
C SER B 34 13.54 -13.62 7.25
N HIS B 35 13.83 -14.92 7.07
CA HIS B 35 15.16 -15.36 6.60
C HIS B 35 15.51 -15.04 5.16
N PHE B 36 14.48 -14.94 4.32
CA PHE B 36 14.70 -14.68 2.92
C PHE B 36 14.37 -13.23 2.58
N ALA B 37 14.80 -12.81 1.39
CA ALA B 37 14.53 -11.45 0.91
C ALA B 37 13.06 -11.28 0.48
N THR B 38 12.73 -10.05 0.09
CA THR B 38 11.39 -9.69 -0.34
C THR B 38 10.95 -10.55 -1.52
N CYS B 39 11.87 -10.73 -2.48
CA CYS B 39 11.60 -11.54 -3.67
C CYS B 39 10.33 -11.07 -4.36
N PRO B 40 10.40 -9.90 -5.02
CA PRO B 40 9.33 -9.22 -5.78
C PRO B 40 8.68 -10.15 -6.81
N SER B 41 9.54 -10.73 -7.64
CA SER B 41 9.15 -11.61 -8.73
C SER B 41 8.15 -12.70 -8.39
N VAL B 42 8.22 -13.22 -7.17
CA VAL B 42 7.29 -14.28 -6.73
C VAL B 42 5.86 -13.79 -6.71
N TYR B 43 5.70 -12.47 -6.65
CA TYR B 43 4.39 -11.87 -6.55
C TYR B 43 3.84 -11.25 -7.83
N GLU B 44 4.74 -10.90 -8.75
CA GLU B 44 4.35 -10.32 -10.03
C GLU B 44 3.53 -11.36 -10.84
N ALA B 45 2.35 -10.95 -11.29
CA ALA B 45 1.49 -11.84 -12.07
C ALA B 45 2.14 -12.18 -13.42
N ASN B 46 1.99 -13.42 -13.87
CA ASN B 46 2.56 -13.87 -15.14
C ASN B 46 3.92 -13.25 -15.47
N HIS B 47 4.87 -13.58 -14.62
CA HIS B 47 6.22 -13.07 -14.75
C HIS B 47 7.01 -13.67 -15.91
N PRO B 48 7.54 -12.82 -16.80
CA PRO B 48 8.34 -13.31 -17.93
C PRO B 48 9.64 -13.83 -17.30
N GLY B 49 9.77 -15.15 -17.30
CA GLY B 49 10.92 -15.80 -16.71
C GLY B 49 10.42 -16.91 -15.81
N LEU B 50 9.17 -16.80 -15.37
CA LEU B 50 8.58 -17.82 -14.51
C LEU B 50 7.27 -18.39 -15.07
N GLU B 51 6.86 -17.86 -16.22
CA GLU B 51 5.63 -18.29 -16.90
C GLU B 51 5.33 -19.81 -16.81
N ILE B 52 4.16 -20.10 -16.26
CA ILE B 52 3.72 -21.48 -16.11
C ILE B 52 2.60 -21.70 -17.11
N PRO B 53 2.82 -22.62 -18.07
CA PRO B 53 1.91 -23.02 -19.14
C PRO B 53 0.48 -23.20 -18.67
N ASN B 54 -0.46 -22.63 -19.44
CA ASN B 54 -1.89 -22.70 -19.11
C ASN B 54 -2.19 -22.20 -17.72
N PHE B 55 -1.55 -21.09 -17.36
CA PHE B 55 -1.75 -20.49 -16.07
C PHE B 55 -1.48 -19.00 -16.07
N LYS B 56 -2.51 -18.28 -15.62
CA LYS B 56 -2.42 -16.84 -15.44
C LYS B 56 -2.42 -16.70 -13.92
N GLY B 57 -1.44 -15.94 -13.44
CA GLY B 57 -1.27 -15.72 -12.02
C GLY B 57 0.21 -15.63 -11.70
N SER B 58 0.50 -15.32 -10.44
CA SER B 58 1.87 -15.22 -9.97
C SER B 58 2.39 -16.58 -9.55
N PHE B 59 3.69 -16.61 -9.31
CA PHE B 59 4.36 -17.81 -8.84
C PHE B 59 3.65 -18.21 -7.53
N LEU B 60 3.51 -17.24 -6.64
CA LEU B 60 2.84 -17.45 -5.37
C LEU B 60 1.46 -18.07 -5.62
N ASP B 61 0.67 -17.48 -6.52
CA ASP B 61 -0.67 -17.99 -6.82
C ASP B 61 -0.61 -19.47 -7.17
N TRP B 62 0.37 -19.86 -8.00
CA TRP B 62 0.52 -21.26 -8.38
C TRP B 62 0.89 -22.13 -7.17
N ALA B 63 1.92 -21.72 -6.46
CA ALA B 63 2.33 -22.46 -5.27
C ALA B 63 1.11 -22.62 -4.37
N LEU B 64 0.37 -21.51 -4.22
CA LEU B 64 -0.80 -21.51 -3.35
C LEU B 64 -1.91 -22.41 -3.84
N SER B 65 -2.18 -22.38 -5.13
CA SER B 65 -3.26 -23.20 -5.64
C SER B 65 -2.96 -24.68 -5.46
N ASN B 66 -1.76 -25.06 -5.90
CA ASN B 66 -1.33 -26.45 -5.79
C ASN B 66 -1.48 -26.92 -4.35
N LEU B 67 -0.85 -26.18 -3.44
CA LEU B 67 -0.94 -26.52 -2.04
C LEU B 67 -2.37 -26.69 -1.57
N GLU B 68 -3.28 -25.85 -2.06
CA GLU B 68 -4.65 -25.97 -1.60
C GLU B 68 -5.30 -27.30 -1.97
N ILE B 69 -5.01 -27.82 -3.17
CA ILE B 69 -5.58 -29.12 -3.55
C ILE B 69 -5.02 -30.25 -2.73
N ALA B 70 -3.76 -30.09 -2.32
CA ALA B 70 -3.12 -31.09 -1.47
C ALA B 70 -3.93 -31.16 -0.16
N HIS B 71 -4.04 -30.02 0.51
CA HIS B 71 -4.77 -29.93 1.77
C HIS B 71 -6.24 -30.27 1.55
N SER B 72 -6.71 -30.02 0.34
CA SER B 72 -8.08 -30.29 -0.02
C SER B 72 -8.26 -31.81 0.08
N ARG B 73 -7.31 -32.55 -0.50
CA ARG B 73 -7.35 -34.01 -0.45
C ARG B 73 -7.41 -34.53 0.97
N ILE B 74 -6.74 -33.86 1.91
CA ILE B 74 -6.78 -34.31 3.30
C ILE B 74 -7.87 -33.59 4.11
N ARG B 75 -8.99 -33.33 3.44
CA ARG B 75 -10.16 -32.68 4.03
C ARG B 75 -9.95 -31.34 4.70
N ARG B 76 -8.97 -30.54 4.27
CA ARG B 76 -8.75 -29.28 4.98
C ARG B 76 -9.93 -28.30 5.10
N PHE B 77 -10.58 -28.03 3.96
CA PHE B 77 -11.65 -27.06 3.89
C PHE B 77 -13.07 -27.49 4.25
N GLU B 78 -13.22 -28.77 4.53
CA GLU B 78 -14.51 -29.34 4.92
C GLU B 78 -14.90 -28.87 6.34
N SER B 79 -14.00 -28.09 6.97
CA SER B 79 -14.20 -27.57 8.32
C SER B 79 -14.54 -26.07 8.35
N PRO B 80 -15.45 -25.69 9.27
CA PRO B 80 -15.90 -24.30 9.43
C PRO B 80 -14.86 -23.22 9.71
N ASP B 81 -13.68 -23.62 10.20
CA ASP B 81 -12.63 -22.65 10.53
C ASP B 81 -11.56 -22.48 9.45
N GLU B 82 -11.66 -23.29 8.39
CA GLU B 82 -10.71 -23.22 7.30
C GLU B 82 -11.50 -22.78 6.09
N THR B 83 -11.07 -21.67 5.51
CA THR B 83 -11.69 -21.04 4.36
C THR B 83 -10.57 -20.89 3.35
N PRO B 84 -10.72 -21.48 2.17
CA PRO B 84 -9.72 -21.45 1.10
C PRO B 84 -9.51 -20.12 0.37
N PHE B 85 -8.37 -20.00 -0.30
CA PHE B 85 -8.08 -18.82 -1.08
C PHE B 85 -8.75 -18.87 -2.47
N PHE B 86 -8.81 -20.05 -3.08
CA PHE B 86 -9.44 -20.22 -4.39
C PHE B 86 -10.54 -21.21 -4.12
N PRO B 87 -11.61 -20.75 -3.46
CA PRO B 87 -12.81 -21.49 -3.04
C PRO B 87 -13.57 -22.37 -4.02
N ASP B 88 -13.66 -21.93 -5.26
CA ASP B 88 -14.42 -22.66 -6.25
C ASP B 88 -13.54 -23.52 -7.15
N LYS B 89 -12.25 -23.52 -6.82
CA LYS B 89 -11.28 -24.28 -7.59
C LYS B 89 -11.02 -25.56 -6.79
N ILE B 90 -11.79 -25.79 -5.70
CA ILE B 90 -11.59 -26.98 -4.86
C ILE B 90 -12.57 -28.14 -5.10
N GLN B 91 -12.02 -29.37 -5.12
CA GLN B 91 -12.82 -30.58 -5.33
C GLN B 91 -12.94 -31.40 -4.04
N LYS B 92 -14.09 -32.05 -3.89
CA LYS B 92 -14.36 -32.87 -2.71
C LYS B 92 -13.39 -34.05 -2.71
N SER B 93 -13.06 -34.52 -1.50
CA SER B 93 -12.12 -35.61 -1.38
C SER B 93 -12.67 -37.01 -1.59
N PHE B 94 -11.71 -37.91 -1.61
CA PHE B 94 -11.82 -39.34 -1.81
C PHE B 94 -11.56 -39.73 -0.36
N LEU B 95 -12.58 -39.68 0.48
CA LEU B 95 -12.43 -39.96 1.91
C LEU B 95 -13.74 -39.74 2.61
N PRO B 96 -14.24 -40.76 3.33
CA PRO B 96 -15.52 -40.58 4.03
C PRO B 96 -15.44 -39.30 4.85
N SER B 97 -16.43 -38.44 4.68
CA SER B 97 -16.46 -37.17 5.34
C SER B 97 -16.73 -37.19 6.83
N ILE B 98 -16.21 -36.18 7.51
CA ILE B 98 -16.42 -35.98 8.94
C ILE B 98 -17.77 -35.26 8.88
N ASN B 99 -18.66 -35.51 9.83
CA ASN B 99 -19.95 -34.83 9.77
C ASN B 99 -20.10 -33.79 10.87
N TYR B 100 -19.67 -32.57 10.56
CA TYR B 100 -19.73 -31.43 11.48
C TYR B 100 -21.15 -30.95 11.70
N PRO B 101 -21.58 -30.83 12.96
CA PRO B 101 -22.95 -30.36 13.16
C PRO B 101 -22.92 -28.86 12.87
N GLN B 102 -24.07 -28.22 12.69
CA GLN B 102 -24.06 -26.78 12.45
C GLN B 102 -23.68 -25.98 13.68
N ILE B 103 -22.90 -24.94 13.42
CA ILE B 103 -22.40 -24.06 14.44
C ILE B 103 -22.70 -22.67 13.87
N LEU B 104 -22.21 -22.45 12.66
CA LEU B 104 -22.43 -21.20 11.95
C LEU B 104 -23.62 -21.29 10.98
N ALA B 105 -24.09 -20.15 10.51
CA ALA B 105 -25.19 -20.11 9.57
C ALA B 105 -24.63 -20.57 8.23
N PRO B 106 -25.47 -21.18 7.41
CA PRO B 106 -25.17 -21.73 6.09
C PRO B 106 -24.30 -20.92 5.14
N TYR B 107 -24.59 -19.63 4.99
CA TYR B 107 -23.84 -18.76 4.08
C TYR B 107 -22.41 -18.52 4.54
N ALA B 108 -22.09 -19.05 5.72
CA ALA B 108 -20.78 -18.86 6.31
C ALA B 108 -19.63 -18.91 5.30
N PRO B 109 -19.48 -20.02 4.55
CA PRO B 109 -18.41 -20.18 3.56
C PRO B 109 -18.23 -19.01 2.59
N GLU B 110 -19.32 -18.27 2.37
CA GLU B 110 -19.34 -17.14 1.46
C GLU B 110 -18.57 -15.93 1.98
N VAL B 111 -18.45 -15.82 3.29
CA VAL B 111 -17.73 -14.72 3.90
C VAL B 111 -16.24 -15.05 3.69
N ASN B 112 -15.60 -14.38 2.74
CA ASN B 112 -14.22 -14.71 2.44
C ASN B 112 -13.31 -13.54 2.05
N TYR B 113 -12.53 -13.07 3.03
CA TYR B 113 -11.60 -11.96 2.81
C TYR B 113 -10.21 -12.30 2.31
N ASN B 114 -10.04 -13.53 1.87
CA ASN B 114 -8.74 -13.94 1.41
C ASN B 114 -8.08 -13.12 0.32
N ASP B 115 -8.85 -12.44 -0.53
CA ASP B 115 -8.28 -11.60 -1.59
C ASP B 115 -7.56 -10.41 -0.97
N LYS B 116 -8.23 -9.81 0.01
CA LYS B 116 -7.68 -8.66 0.70
C LYS B 116 -6.48 -9.12 1.48
N ILE B 117 -6.71 -10.13 2.33
CA ILE B 117 -5.65 -10.69 3.16
C ILE B 117 -4.38 -10.99 2.36
N LYS B 118 -4.54 -11.63 1.22
CA LYS B 118 -3.40 -11.96 0.40
C LYS B 118 -2.76 -10.71 -0.17
N LYS B 119 -3.59 -9.78 -0.62
CA LYS B 119 -3.06 -8.57 -1.21
C LYS B 119 -2.37 -7.66 -0.19
N VAL B 120 -2.96 -7.54 0.99
CA VAL B 120 -2.37 -6.69 2.02
C VAL B 120 -1.06 -7.32 2.51
N TYR B 121 -1.08 -8.65 2.69
CA TYR B 121 0.09 -9.39 3.13
C TYR B 121 1.24 -9.14 2.17
N ILE B 122 0.92 -9.16 0.89
CA ILE B 122 1.93 -8.93 -0.12
C ILE B 122 2.46 -7.50 -0.10
N GLU B 123 1.60 -6.49 0.08
CA GLU B 123 2.10 -5.10 0.05
C GLU B 123 2.50 -4.45 1.35
N LYS B 124 1.79 -4.79 2.42
CA LYS B 124 2.09 -4.23 3.73
C LYS B 124 2.98 -5.10 4.63
N ILE B 125 2.65 -6.39 4.80
CA ILE B 125 3.44 -7.29 5.64
C ILE B 125 4.83 -7.70 5.15
N ILE B 126 4.92 -8.23 3.94
CA ILE B 126 6.20 -8.66 3.39
C ILE B 126 7.39 -7.70 3.57
N PRO B 127 7.19 -6.39 3.33
CA PRO B 127 8.32 -5.46 3.49
C PRO B 127 8.80 -5.35 4.92
N LEU B 128 7.85 -5.54 5.84
CA LEU B 128 8.11 -5.47 7.27
C LEU B 128 8.86 -6.68 7.82
N ILE B 129 8.52 -7.88 7.38
CA ILE B 129 9.19 -9.06 7.88
C ILE B 129 10.39 -9.59 7.11
N SER B 130 10.43 -9.48 5.80
CA SER B 130 11.59 -9.99 5.05
C SER B 130 12.84 -9.17 5.35
N LYS B 131 13.98 -9.85 5.53
CA LYS B 131 15.21 -9.16 5.86
C LYS B 131 15.79 -8.10 4.90
N ARG B 132 16.17 -8.51 3.71
CA ARG B 132 16.76 -7.57 2.77
C ARG B 132 15.75 -7.32 1.63
N ASP B 133 16.12 -6.49 0.66
CA ASP B 133 15.24 -6.18 -0.46
C ASP B 133 15.81 -6.65 -1.82
N GLY B 134 15.12 -7.60 -2.45
CA GLY B 134 15.56 -8.13 -3.74
C GLY B 134 15.10 -9.54 -4.01
N ASP B 135 15.47 -10.06 -5.19
CA ASP B 135 15.12 -11.42 -5.61
C ASP B 135 16.22 -12.45 -5.34
N ASP B 136 15.84 -13.57 -4.74
CA ASP B 136 16.76 -14.67 -4.46
C ASP B 136 16.29 -15.74 -5.47
N LYS B 137 16.79 -15.63 -6.71
CA LYS B 137 16.42 -16.52 -7.83
C LYS B 137 16.27 -18.01 -7.52
N ASN B 138 17.08 -18.51 -6.58
CA ASN B 138 16.97 -19.92 -6.22
C ASN B 138 16.43 -20.19 -4.82
N ASN B 139 15.44 -19.39 -4.44
CA ASN B 139 14.75 -19.52 -3.16
C ASN B 139 13.31 -19.10 -3.28
N PHE B 140 12.85 -18.97 -4.52
CA PHE B 140 11.48 -18.58 -4.76
C PHE B 140 10.48 -19.57 -4.20
N GLY B 141 10.82 -20.85 -4.30
CA GLY B 141 9.95 -21.91 -3.83
C GLY B 141 9.87 -21.88 -2.33
N SER B 142 11.01 -21.63 -1.72
CA SER B 142 11.09 -21.56 -0.27
C SER B 142 10.17 -20.43 0.21
N VAL B 143 10.47 -19.22 -0.29
CA VAL B 143 9.72 -18.00 0.04
C VAL B 143 8.24 -18.31 -0.08
N ALA B 144 7.88 -18.89 -1.22
CA ALA B 144 6.52 -19.27 -1.56
C ALA B 144 5.85 -20.24 -0.56
N THR B 145 6.55 -21.31 -0.16
CA THR B 145 5.97 -22.28 0.78
C THR B 145 5.77 -21.71 2.16
N ARG B 146 6.65 -20.77 2.51
CA ARG B 146 6.52 -20.09 3.79
C ARG B 146 5.45 -19.01 3.74
N ASP B 147 5.35 -18.27 2.62
CA ASP B 147 4.33 -17.23 2.49
C ASP B 147 3.00 -17.87 2.68
N ILE B 148 2.84 -19.00 2.03
CA ILE B 148 1.57 -19.72 2.11
C ILE B 148 1.25 -20.10 3.53
N GLU B 149 2.30 -20.42 4.28
CA GLU B 149 2.12 -20.82 5.65
C GLU B 149 1.62 -19.71 6.50
N CYS B 150 2.18 -18.52 6.28
CA CYS B 150 1.78 -17.32 7.00
C CYS B 150 0.33 -17.07 6.61
N LEU B 151 0.12 -17.05 5.30
CA LEU B 151 -1.21 -16.84 4.76
C LEU B 151 -2.33 -17.66 5.34
N GLN B 152 -2.12 -18.97 5.49
CA GLN B 152 -3.15 -19.86 6.02
C GLN B 152 -3.50 -19.59 7.48
N SER B 153 -2.51 -19.15 8.25
CA SER B 153 -2.67 -18.82 9.68
C SER B 153 -3.50 -17.57 9.82
N LEU B 154 -3.02 -16.52 9.16
CA LEU B 154 -3.67 -15.22 9.14
C LEU B 154 -5.11 -15.46 8.75
N SER B 155 -5.28 -16.20 7.67
CA SER B 155 -6.62 -16.49 7.20
C SER B 155 -7.45 -17.20 8.24
N ARG B 156 -6.89 -18.19 8.91
CA ARG B 156 -7.65 -18.92 9.87
C ARG B 156 -8.10 -18.00 10.96
N ARG B 157 -7.13 -17.24 11.49
CA ARG B 157 -7.30 -16.30 12.60
C ARG B 157 -8.39 -15.28 12.25
N ILE B 158 -8.12 -14.47 11.22
CA ILE B 158 -9.04 -13.44 10.76
C ILE B 158 -10.48 -13.97 10.60
N HIS B 159 -10.65 -15.04 9.82
CA HIS B 159 -11.98 -15.64 9.61
C HIS B 159 -12.62 -16.20 10.85
N PHE B 160 -11.93 -16.12 11.97
CA PHE B 160 -12.50 -16.60 13.20
C PHE B 160 -13.58 -15.63 13.64
N GLY B 161 -13.56 -14.46 13.01
CA GLY B 161 -14.55 -13.44 13.31
C GLY B 161 -15.98 -13.97 13.27
N LYS B 162 -16.22 -14.88 12.32
CA LYS B 162 -17.52 -15.52 12.13
C LYS B 162 -18.02 -16.19 13.40
N PHE B 163 -17.11 -16.85 14.12
CA PHE B 163 -17.49 -17.55 15.35
C PHE B 163 -17.82 -16.55 16.42
N VAL B 164 -16.98 -15.52 16.49
CA VAL B 164 -17.12 -14.44 17.46
C VAL B 164 -18.49 -13.80 17.20
N ALA B 165 -18.68 -13.41 15.95
CA ALA B 165 -19.92 -12.79 15.50
C ALA B 165 -21.12 -13.62 15.93
N GLU B 166 -21.14 -14.89 15.53
CA GLU B 166 -22.24 -15.76 15.89
C GLU B 166 -22.46 -15.81 17.39
N ALA B 167 -21.38 -15.71 18.14
CA ALA B 167 -21.43 -15.75 19.61
C ALA B 167 -22.17 -14.54 20.16
N LYS B 168 -21.61 -13.37 19.86
CA LYS B 168 -22.17 -12.08 20.27
C LYS B 168 -23.61 -11.98 19.85
N PHE B 169 -23.92 -12.56 18.68
CA PHE B 169 -25.28 -12.54 18.21
C PHE B 169 -26.14 -13.30 19.24
N GLN B 170 -25.77 -14.53 19.55
CA GLN B 170 -26.53 -15.33 20.49
C GLN B 170 -26.73 -14.64 21.84
N SER B 171 -25.70 -13.92 22.29
CA SER B 171 -25.73 -13.25 23.59
C SER B 171 -26.82 -12.20 23.76
N ASP B 172 -27.25 -11.61 22.65
CA ASP B 172 -28.27 -10.57 22.69
C ASP B 172 -28.83 -10.49 21.27
N ILE B 173 -29.77 -11.39 20.99
CA ILE B 173 -30.39 -11.41 19.68
C ILE B 173 -31.13 -10.11 19.41
N PRO B 174 -32.15 -9.78 20.24
CA PRO B 174 -32.87 -8.53 19.98
C PRO B 174 -32.03 -7.29 19.64
N LEU B 175 -30.96 -7.02 20.39
CA LEU B 175 -30.11 -5.87 20.09
C LEU B 175 -29.52 -5.93 18.68
N TYR B 176 -28.86 -7.03 18.36
CA TYR B 176 -28.26 -7.14 17.04
C TYR B 176 -29.30 -7.16 15.93
N THR B 177 -30.44 -7.80 16.19
CA THR B 177 -31.54 -7.90 15.22
C THR B 177 -31.88 -6.49 14.71
N LYS B 178 -32.03 -5.58 15.66
CA LYS B 178 -32.33 -4.19 15.38
C LYS B 178 -31.24 -3.61 14.47
N LEU B 179 -30.00 -3.60 14.95
CA LEU B 179 -28.86 -3.07 14.20
C LEU B 179 -28.73 -3.62 12.80
N ILE B 180 -29.04 -4.90 12.65
CA ILE B 180 -28.94 -5.58 11.37
C ILE B 180 -30.00 -5.04 10.42
N LYS B 181 -31.26 -5.06 10.85
CA LYS B 181 -32.38 -4.56 10.05
C LYS B 181 -32.08 -3.13 9.62
N SER B 182 -31.63 -2.31 10.56
CA SER B 182 -31.28 -0.92 10.28
C SER B 182 -30.11 -0.86 9.29
N LYS B 183 -29.28 -1.91 9.29
CA LYS B 183 -28.10 -2.04 8.44
C LYS B 183 -27.17 -0.92 8.89
N ASP B 184 -27.14 -0.82 10.21
CA ASP B 184 -26.41 0.16 10.99
C ASP B 184 -24.97 -0.28 11.27
N VAL B 185 -24.05 0.08 10.41
CA VAL B 185 -22.64 -0.32 10.57
C VAL B 185 -21.91 0.19 11.81
N GLU B 186 -21.79 1.50 11.96
CA GLU B 186 -21.13 2.09 13.09
C GLU B 186 -21.74 1.53 14.36
N GLY B 187 -23.04 1.27 14.29
CA GLY B 187 -23.76 0.76 15.44
C GLY B 187 -23.31 -0.61 15.88
N ILE B 188 -23.08 -1.48 14.90
CA ILE B 188 -22.60 -2.84 15.14
C ILE B 188 -21.13 -2.74 15.47
N MET B 189 -20.37 -2.04 14.63
CA MET B 189 -18.93 -1.85 14.80
C MET B 189 -18.53 -1.52 16.24
N LYS B 190 -18.99 -0.39 16.77
CA LYS B 190 -18.63 -0.03 18.14
C LYS B 190 -19.32 -0.90 19.20
N ASN B 191 -20.28 -1.72 18.80
CA ASN B 191 -20.97 -2.56 19.77
C ASN B 191 -20.27 -3.92 19.90
N ILE B 192 -19.48 -4.29 18.90
CA ILE B 192 -18.76 -5.54 18.96
C ILE B 192 -17.30 -5.29 19.29
N THR B 193 -16.86 -4.02 19.22
CA THR B 193 -15.49 -3.69 19.58
C THR B 193 -15.31 -3.65 21.10
N ASN B 194 -14.27 -4.34 21.56
CA ASN B 194 -13.90 -4.40 22.99
C ASN B 194 -12.42 -4.00 22.97
N SER B 195 -12.14 -2.72 23.19
CA SER B 195 -10.77 -2.24 23.13
C SER B 195 -9.84 -2.63 24.25
N ALA B 196 -10.43 -3.05 25.36
CA ALA B 196 -9.66 -3.49 26.53
C ALA B 196 -8.97 -4.78 26.09
N VAL B 197 -9.76 -5.69 25.54
CA VAL B 197 -9.30 -6.97 25.04
C VAL B 197 -8.27 -6.77 23.94
N GLU B 198 -8.61 -6.00 22.91
CA GLU B 198 -7.62 -5.78 21.87
C GLU B 198 -6.41 -5.04 22.38
N GLU B 199 -6.57 -4.32 23.48
CA GLU B 199 -5.42 -3.63 24.01
C GLU B 199 -4.43 -4.64 24.64
N LYS B 200 -4.98 -5.57 25.43
CA LYS B 200 -4.18 -6.59 26.11
C LYS B 200 -3.39 -7.45 25.12
N ILE B 201 -4.00 -7.72 23.97
CA ILE B 201 -3.38 -8.50 22.90
C ILE B 201 -2.09 -7.87 22.38
N LEU B 202 -2.13 -6.59 22.05
CA LEU B 202 -0.96 -5.90 21.54
C LEU B 202 0.17 -5.95 22.53
N GLU B 203 -0.18 -5.94 23.82
CA GLU B 203 0.80 -5.94 24.90
C GLU B 203 1.67 -7.18 24.86
N ARG B 204 1.01 -8.35 24.93
CA ARG B 204 1.77 -9.59 24.95
C ARG B 204 2.47 -9.90 23.63
N LEU B 205 2.03 -9.32 22.53
CA LEU B 205 2.74 -9.56 21.29
C LEU B 205 4.11 -8.93 21.42
N THR B 206 4.12 -7.69 21.90
CA THR B 206 5.34 -6.91 22.09
C THR B 206 6.36 -7.76 22.81
N LYS B 207 5.94 -8.37 23.93
CA LYS B 207 6.81 -9.24 24.71
C LYS B 207 7.22 -10.53 23.96
N LYS B 208 6.23 -11.23 23.41
CA LYS B 208 6.50 -12.46 22.67
C LYS B 208 7.56 -12.23 21.61
N ALA B 209 7.51 -11.09 20.95
CA ALA B 209 8.50 -10.78 19.91
C ALA B 209 9.89 -10.66 20.53
N GLU B 210 9.97 -10.02 21.70
CA GLU B 210 11.24 -9.81 22.40
C GLU B 210 11.93 -11.11 22.79
N VAL B 211 11.16 -12.16 23.04
CA VAL B 211 11.72 -13.46 23.43
C VAL B 211 11.93 -14.44 22.23
N TYR B 212 10.87 -14.77 21.49
CA TYR B 212 10.97 -15.67 20.33
C TYR B 212 11.80 -15.03 19.22
N GLY B 213 11.76 -13.71 19.14
CA GLY B 213 12.46 -13.01 18.08
C GLY B 213 13.95 -12.93 18.20
N VAL B 214 14.49 -13.37 19.34
CA VAL B 214 15.93 -13.30 19.53
C VAL B 214 16.52 -14.62 20.03
N ASP B 215 17.73 -14.89 19.55
CA ASP B 215 18.47 -16.10 19.90
C ASP B 215 18.89 -16.05 21.37
N PRO B 216 18.28 -16.90 22.23
CA PRO B 216 18.56 -16.97 23.67
C PRO B 216 19.97 -17.48 24.06
N THR B 217 20.98 -17.14 23.25
CA THR B 217 22.38 -17.52 23.48
C THR B 217 23.33 -16.55 22.74
N GLU B 222 21.04 -11.09 14.90
CA GLU B 222 19.82 -11.41 15.72
C GLU B 222 18.64 -10.48 15.38
N ARG B 223 17.48 -10.72 15.99
CA ARG B 223 16.25 -9.96 15.70
C ARG B 223 15.59 -10.38 14.37
N ARG B 224 14.80 -11.44 14.44
CA ARG B 224 14.10 -11.96 13.25
C ARG B 224 12.83 -11.10 13.06
N ILE B 225 12.33 -10.55 14.16
CA ILE B 225 11.14 -9.73 14.13
C ILE B 225 11.13 -8.68 15.26
N THR B 226 10.80 -7.44 14.89
CA THR B 226 10.71 -6.31 15.82
C THR B 226 9.37 -6.40 16.56
N PRO B 227 9.36 -6.08 17.86
CA PRO B 227 8.04 -6.18 18.53
C PRO B 227 7.14 -5.06 17.98
N GLU B 228 7.79 -4.03 17.45
CA GLU B 228 7.11 -2.90 16.87
C GLU B 228 6.38 -3.28 15.60
N TYR B 229 7.08 -3.89 14.66
CA TYR B 229 6.44 -4.30 13.42
C TYR B 229 5.37 -5.34 13.65
N LEU B 230 5.56 -6.19 14.64
CA LEU B 230 4.56 -7.21 14.96
C LEU B 230 3.28 -6.52 15.43
N VAL B 231 3.46 -5.61 16.38
CA VAL B 231 2.35 -4.82 16.90
C VAL B 231 1.63 -4.08 15.74
N LYS B 232 2.42 -3.45 14.86
CA LYS B 232 1.89 -2.70 13.71
C LYS B 232 0.91 -3.57 12.91
N ILE B 233 1.37 -4.75 12.51
CA ILE B 233 0.61 -5.72 11.73
C ILE B 233 -0.74 -6.13 12.33
N TYR B 234 -0.74 -6.48 13.59
CA TYR B 234 -2.00 -6.86 14.23
C TYR B 234 -2.96 -5.70 14.35
N LYS B 235 -2.40 -4.54 14.66
CA LYS B 235 -3.18 -3.33 14.87
C LYS B 235 -3.79 -2.81 13.59
N GLU B 236 -3.00 -2.77 12.52
CA GLU B 236 -3.47 -2.27 11.25
C GLU B 236 -4.17 -3.26 10.36
N ILE B 237 -3.75 -4.52 10.43
CA ILE B 237 -4.32 -5.53 9.58
C ILE B 237 -5.05 -6.65 10.27
N VAL B 238 -4.39 -7.37 11.16
CA VAL B 238 -5.08 -8.50 11.76
C VAL B 238 -6.43 -8.23 12.41
N ILE B 239 -6.44 -7.38 13.44
CA ILE B 239 -7.65 -7.04 14.19
C ILE B 239 -8.71 -6.32 13.36
N PRO B 240 -8.28 -5.37 12.52
CA PRO B 240 -9.22 -4.64 11.67
C PRO B 240 -10.01 -5.59 10.75
N ILE B 241 -9.29 -6.35 9.92
CA ILE B 241 -9.92 -7.27 9.01
C ILE B 241 -10.74 -8.34 9.73
N THR B 242 -10.36 -8.69 10.97
CA THR B 242 -11.14 -9.67 11.72
C THR B 242 -12.50 -9.06 12.03
N LYS B 243 -12.50 -7.76 12.32
CA LYS B 243 -13.73 -7.04 12.61
C LYS B 243 -14.62 -6.90 11.38
N GLU B 244 -14.03 -6.64 10.21
CA GLU B 244 -14.81 -6.58 8.95
C GLU B 244 -15.62 -7.91 8.83
N VAL B 245 -14.92 -9.03 9.00
CA VAL B 245 -15.52 -10.36 8.94
C VAL B 245 -16.72 -10.47 9.89
N GLU B 246 -16.59 -9.92 11.08
CA GLU B 246 -17.67 -9.97 12.06
C GLU B 246 -18.92 -9.16 11.63
N VAL B 247 -18.72 -8.01 10.99
CA VAL B 247 -19.86 -7.19 10.58
C VAL B 247 -20.67 -7.87 9.48
N GLU B 248 -20.00 -8.22 8.41
CA GLU B 248 -20.64 -8.85 7.27
C GLU B 248 -21.38 -10.11 7.71
N TYR B 249 -20.74 -10.90 8.55
CA TYR B 249 -21.36 -12.12 9.04
C TYR B 249 -22.68 -11.76 9.70
N LEU B 250 -22.66 -10.72 10.52
CA LEU B 250 -23.84 -10.27 11.21
C LEU B 250 -24.92 -9.70 10.26
N LEU B 251 -24.53 -8.84 9.32
CA LEU B 251 -25.46 -8.25 8.37
C LEU B 251 -26.27 -9.36 7.63
N ARG B 252 -25.55 -10.37 7.16
CA ARG B 252 -26.20 -11.45 6.46
C ARG B 252 -26.93 -12.40 7.39
N ARG B 253 -26.71 -12.25 8.68
CA ARG B 253 -27.28 -13.13 9.69
C ARG B 253 -28.79 -13.36 9.70
N LEU B 254 -29.54 -12.50 9.03
CA LEU B 254 -30.99 -12.65 9.03
C LEU B 254 -31.59 -13.23 7.76
N GLU B 255 -30.72 -13.65 6.84
CA GLU B 255 -31.18 -14.23 5.58
C GLU B 255 -32.10 -15.44 5.77
N GLU B 256 -33.01 -15.62 4.81
CA GLU B 256 -34.02 -16.68 4.82
C GLU B 256 -33.35 -18.05 4.90
#